data_1LRL
#
_entry.id   1LRL
#
_cell.length_a   83.200
_cell.length_b   83.200
_cell.length_c   109.500
_cell.angle_alpha   90.00
_cell.angle_beta   90.00
_cell.angle_gamma   120.00
#
_symmetry.space_group_name_H-M   'P 32 2 1'
#
loop_
_entity.id
_entity.type
_entity.pdbx_description
1 polymer 'UDP-glucose 4-epimerase'
2 non-polymer 'SODIUM ION'
3 non-polymer NICOTINAMIDE-ADENINE-DINUCLEOTIDE
4 non-polymer "URIDINE-5'-DIPHOSPHATE-GLUCOSE"
5 non-polymer 'TRIETHYLENE GLYCOL'
6 water water
#
_entity_poly.entity_id   1
_entity_poly.type   'polypeptide(L)'
_entity_poly.pdbx_seq_one_letter_code
;MRVLVTGGSGYIGSHTCVQLLQNGHDVIILDNLCNSKRSVLPVIERLGGKHPTFVEGDIRNEALMTEILHDHAIDTVIHF
AGLKAVGESVQKPLEYYDNNVNGTLRLISAMRAANVKNFIFSSSATVYGDNPKIPYVESFPTGTPQSPYGKSKLMVEQIL
TDLQKAQPDWSIALLRYFNPVGAHPSGDMGEDPQGIPNNLMPYIAQVAVGRRDSLAIFGNDYPTEDGTGVRDYIHVMDLA
DGHVVAMEKLANKPGVHIYNLGAGVGNSVLDVVNAFSKACGKPVNYHFAPRREGDLPACWADASKADRELNWRVTRTLDE
MAQDTWHWQSRHPQGYPD
;
_entity_poly.pdbx_strand_id   A
#
loop_
_chem_comp.id
_chem_comp.type
_chem_comp.name
_chem_comp.formula
NA non-polymer 'SODIUM ION' 'Na 1'
NAD non-polymer NICOTINAMIDE-ADENINE-DINUCLEOTIDE 'C21 H27 N7 O14 P2'
PGE non-polymer 'TRIETHYLENE GLYCOL' 'C6 H14 O4'
UPG non-polymer URIDINE-5'-DIPHOSPHATE-GLUCOSE 'C15 H24 N2 O17 P2'
#
# COMPACT_ATOMS: atom_id res chain seq x y z
N MET A 1 -0.88 -21.48 -4.30
CA MET A 1 -2.34 -21.19 -4.31
C MET A 1 -2.84 -20.37 -5.51
N ARG A 2 -4.19 -20.29 -5.66
CA ARG A 2 -4.79 -19.49 -6.74
C ARG A 2 -5.28 -18.15 -6.15
N VAL A 3 -4.58 -17.11 -6.56
CA VAL A 3 -4.87 -15.80 -5.99
C VAL A 3 -5.31 -14.72 -6.95
N LEU A 4 -6.41 -14.06 -6.54
CA LEU A 4 -6.90 -12.94 -7.27
C LEU A 4 -6.32 -11.71 -6.56
N VAL A 5 -5.59 -10.90 -7.33
CA VAL A 5 -5.04 -9.71 -6.75
C VAL A 5 -5.78 -8.53 -7.36
N THR A 6 -6.72 -7.97 -6.65
CA THR A 6 -7.32 -6.79 -7.23
C THR A 6 -6.31 -5.61 -7.08
N GLY A 7 -6.29 -4.72 -8.06
CA GLY A 7 -5.38 -3.58 -7.99
C GLY A 7 -3.96 -4.01 -8.37
N GLY A 8 -3.86 -5.25 -8.89
CA GLY A 8 -2.63 -5.94 -9.28
C GLY A 8 -1.65 -5.10 -10.09
N SER A 9 -2.11 -4.18 -10.88
CA SER A 9 -1.16 -3.43 -11.68
C SER A 9 -0.63 -2.20 -11.03
N GLY A 10 -1.14 -1.93 -9.80
CA GLY A 10 -0.76 -0.70 -9.09
C GLY A 10 0.63 -0.80 -8.56
N TYR A 11 0.99 0.21 -7.81
CA TYR A 11 2.31 0.23 -7.22
C TYR A 11 2.54 -1.00 -6.33
N ILE A 12 1.79 -1.07 -5.25
CA ILE A 12 1.97 -2.19 -4.36
C ILE A 12 1.67 -3.50 -5.00
N GLY A 13 0.53 -3.58 -5.68
CA GLY A 13 0.11 -4.83 -6.31
C GLY A 13 1.16 -5.33 -7.28
N SER A 14 1.67 -4.42 -8.12
CA SER A 14 2.66 -4.93 -9.06
C SER A 14 3.81 -5.70 -8.38
N HIS A 15 4.44 -5.09 -7.41
CA HIS A 15 5.51 -5.73 -6.70
C HIS A 15 5.01 -7.00 -6.02
N THR A 16 3.83 -6.96 -5.43
CA THR A 16 3.32 -8.15 -4.77
C THR A 16 3.18 -9.29 -5.76
N CYS A 17 2.75 -8.90 -6.92
CA CYS A 17 2.50 -9.90 -7.96
C CYS A 17 3.74 -10.63 -8.36
N VAL A 18 4.78 -9.85 -8.52
CA VAL A 18 6.09 -10.39 -8.88
C VAL A 18 6.53 -11.40 -7.83
N GLN A 19 6.44 -11.02 -6.53
CA GLN A 19 6.83 -11.96 -5.46
C GLN A 19 5.92 -13.16 -5.42
N LEU A 20 4.64 -13.00 -5.74
CA LEU A 20 3.72 -14.14 -5.77
C LEU A 20 4.12 -15.21 -6.79
N LEU A 21 4.44 -14.74 -7.99
CA LEU A 21 4.80 -15.62 -9.09
C LEU A 21 6.09 -16.39 -8.81
N GLN A 22 7.01 -15.67 -8.16
CA GLN A 22 8.29 -16.21 -7.75
C GLN A 22 8.09 -17.32 -6.74
N ASN A 23 7.03 -17.23 -6.00
CA ASN A 23 6.77 -18.29 -5.05
C ASN A 23 5.96 -19.38 -5.70
N GLY A 24 5.68 -19.17 -6.98
CA GLY A 24 4.95 -20.17 -7.75
C GLY A 24 3.45 -20.24 -7.60
N HIS A 25 2.84 -19.13 -7.18
CA HIS A 25 1.40 -19.22 -7.12
C HIS A 25 0.88 -18.85 -8.50
N ASP A 26 -0.38 -19.13 -8.69
CA ASP A 26 -1.01 -18.74 -9.94
C ASP A 26 -1.71 -17.43 -9.67
N VAL A 27 -1.35 -16.41 -10.44
CA VAL A 27 -1.88 -15.10 -10.24
C VAL A 27 -2.78 -14.56 -11.35
N ILE A 28 -3.93 -14.06 -10.91
CA ILE A 28 -4.94 -13.37 -11.71
C ILE A 28 -5.00 -11.90 -11.24
N ILE A 29 -4.73 -10.96 -12.14
CA ILE A 29 -4.72 -9.56 -11.76
C ILE A 29 -6.01 -8.95 -12.24
N LEU A 30 -6.77 -8.27 -11.35
CA LEU A 30 -8.00 -7.59 -11.77
C LEU A 30 -7.74 -6.09 -11.57
N ASP A 31 -7.71 -5.25 -12.61
CA ASP A 31 -7.45 -3.83 -12.40
C ASP A 31 -8.23 -3.01 -13.41
N ASN A 32 -8.77 -1.87 -13.00
CA ASN A 32 -9.52 -1.07 -13.95
C ASN A 32 -8.67 -0.08 -14.67
N LEU A 33 -7.41 -0.12 -14.33
CA LEU A 33 -6.47 0.76 -14.97
C LEU A 33 -6.72 2.23 -14.75
N CYS A 34 -7.47 2.56 -13.73
CA CYS A 34 -7.70 3.96 -13.53
C CYS A 34 -6.47 4.65 -13.03
N ASN A 35 -5.54 3.89 -12.45
CA ASN A 35 -4.36 4.56 -11.97
C ASN A 35 -3.09 3.82 -12.29
N SER A 36 -3.13 2.99 -13.31
CA SER A 36 -1.98 2.21 -13.75
C SER A 36 -2.10 1.99 -15.25
N LYS A 37 -1.09 1.40 -15.91
CA LYS A 37 -1.08 1.13 -17.35
C LYS A 37 -0.79 -0.33 -17.65
N ARG A 38 -1.31 -0.86 -18.78
CA ARG A 38 -1.05 -2.27 -19.16
C ARG A 38 0.42 -2.56 -19.35
N SER A 39 1.15 -1.50 -19.59
CA SER A 39 2.54 -1.65 -19.83
C SER A 39 3.34 -2.27 -18.68
N VAL A 40 2.79 -2.28 -17.49
CA VAL A 40 3.55 -2.87 -16.38
C VAL A 40 3.45 -4.39 -16.43
N LEU A 41 2.38 -4.81 -17.06
CA LEU A 41 2.12 -6.22 -17.12
C LEU A 41 3.26 -7.12 -17.54
N PRO A 42 3.79 -6.83 -18.71
CA PRO A 42 4.88 -7.64 -19.17
C PRO A 42 6.07 -7.58 -18.21
N VAL A 43 6.21 -6.47 -17.46
CA VAL A 43 7.32 -6.32 -16.54
C VAL A 43 7.09 -7.26 -15.41
N ILE A 44 5.85 -7.31 -15.00
CA ILE A 44 5.59 -8.23 -13.93
C ILE A 44 5.93 -9.64 -14.29
N GLU A 45 5.49 -10.02 -15.45
CA GLU A 45 5.70 -11.36 -15.93
C GLU A 45 7.17 -11.69 -16.00
N ARG A 46 7.93 -10.75 -16.54
CA ARG A 46 9.33 -10.97 -16.70
C ARG A 46 10.02 -11.07 -15.36
N LEU A 47 9.79 -10.08 -14.51
CA LEU A 47 10.40 -10.07 -13.19
C LEU A 47 9.92 -11.27 -12.38
N GLY A 48 8.67 -11.64 -12.57
CA GLY A 48 8.18 -12.75 -11.80
C GLY A 48 8.59 -14.09 -12.30
N GLY A 49 9.06 -14.16 -13.56
CA GLY A 49 9.46 -15.41 -14.21
C GLY A 49 8.27 -16.33 -14.41
N LYS A 50 7.13 -15.71 -14.60
CA LYS A 50 5.92 -16.48 -14.77
C LYS A 50 4.76 -15.56 -15.21
N HIS A 51 3.84 -16.15 -15.91
CA HIS A 51 2.74 -15.41 -16.43
C HIS A 51 1.48 -15.35 -15.56
N PRO A 52 1.13 -14.13 -15.29
CA PRO A 52 -0.08 -13.84 -14.54
C PRO A 52 -1.18 -13.51 -15.53
N THR A 53 -2.39 -13.87 -15.18
CA THR A 53 -3.52 -13.57 -16.01
C THR A 53 -4.04 -12.21 -15.62
N PHE A 54 -4.35 -11.39 -16.65
CA PHE A 54 -4.89 -10.04 -16.47
C PHE A 54 -6.28 -9.85 -16.98
N VAL A 55 -7.10 -9.26 -16.13
CA VAL A 55 -8.46 -8.96 -16.46
C VAL A 55 -8.72 -7.50 -16.19
N GLU A 56 -9.15 -6.78 -17.22
CA GLU A 56 -9.45 -5.39 -17.01
C GLU A 56 -10.88 -5.31 -16.47
N GLY A 57 -11.11 -4.59 -15.40
CA GLY A 57 -12.42 -4.59 -14.83
C GLY A 57 -12.41 -3.87 -13.49
N ASP A 58 -13.60 -3.78 -12.94
CA ASP A 58 -13.87 -3.04 -11.75
C ASP A 58 -14.47 -3.85 -10.63
N ILE A 59 -13.88 -3.61 -9.45
CA ILE A 59 -14.32 -4.28 -8.27
C ILE A 59 -15.81 -4.05 -8.03
N ARG A 60 -16.30 -2.91 -8.49
CA ARG A 60 -17.67 -2.65 -8.23
C ARG A 60 -18.61 -3.50 -9.03
N ASN A 61 -18.08 -4.21 -10.02
CA ASN A 61 -18.89 -5.07 -10.89
C ASN A 61 -18.99 -6.45 -10.27
N GLU A 62 -19.93 -6.60 -9.34
CA GLU A 62 -20.12 -7.83 -8.62
C GLU A 62 -20.23 -9.08 -9.52
N ALA A 63 -20.93 -8.93 -10.64
CA ALA A 63 -21.11 -10.05 -11.55
C ALA A 63 -19.84 -10.49 -12.16
N LEU A 64 -19.02 -9.52 -12.58
CA LEU A 64 -17.79 -9.92 -13.18
C LEU A 64 -16.88 -10.55 -12.13
N MET A 65 -16.94 -10.00 -10.94
CA MET A 65 -16.09 -10.55 -9.88
C MET A 65 -16.36 -12.02 -9.68
N THR A 66 -17.64 -12.28 -9.59
CA THR A 66 -18.02 -13.64 -9.37
C THR A 66 -17.50 -14.59 -10.44
N GLU A 67 -17.61 -14.11 -11.65
CA GLU A 67 -17.24 -14.86 -12.82
C GLU A 67 -15.78 -15.19 -12.70
N ILE A 68 -15.00 -14.17 -12.39
CA ILE A 68 -13.57 -14.37 -12.26
C ILE A 68 -13.26 -15.44 -11.27
N LEU A 69 -13.90 -15.22 -10.15
CA LEU A 69 -13.69 -16.10 -9.05
C LEU A 69 -13.84 -17.54 -9.46
N HIS A 70 -14.96 -17.81 -10.09
CA HIS A 70 -15.28 -19.14 -10.53
C HIS A 70 -14.37 -19.62 -11.61
N ASP A 71 -14.25 -18.77 -12.58
CA ASP A 71 -13.45 -19.10 -13.72
C ASP A 71 -12.09 -19.57 -13.32
N HIS A 72 -11.49 -18.89 -12.37
CA HIS A 72 -10.11 -19.24 -12.02
C HIS A 72 -9.95 -20.02 -10.78
N ALA A 73 -11.08 -20.43 -10.24
CA ALA A 73 -10.97 -21.26 -9.06
C ALA A 73 -10.13 -20.60 -7.98
N ILE A 74 -10.34 -19.31 -7.74
CA ILE A 74 -9.57 -18.61 -6.74
C ILE A 74 -9.65 -19.24 -5.33
N ASP A 75 -8.51 -19.26 -4.63
CA ASP A 75 -8.48 -19.79 -3.27
C ASP A 75 -8.48 -18.64 -2.27
N THR A 76 -7.86 -17.55 -2.70
CA THR A 76 -7.69 -16.38 -1.87
C THR A 76 -7.60 -15.14 -2.75
N VAL A 77 -7.90 -14.00 -2.11
CA VAL A 77 -7.90 -12.72 -2.80
C VAL A 77 -7.11 -11.65 -2.02
N ILE A 78 -6.22 -10.90 -2.68
CA ILE A 78 -5.46 -9.79 -2.08
C ILE A 78 -6.05 -8.56 -2.67
N HIS A 79 -6.62 -7.76 -1.83
CA HIS A 79 -7.32 -6.64 -2.32
C HIS A 79 -6.61 -5.30 -2.16
N PHE A 80 -6.03 -4.85 -3.26
CA PHE A 80 -5.35 -3.56 -3.28
C PHE A 80 -6.15 -2.48 -4.01
N ALA A 81 -7.16 -2.93 -4.77
CA ALA A 81 -7.97 -1.98 -5.55
C ALA A 81 -8.68 -0.91 -4.72
N GLY A 82 -8.56 0.39 -5.13
CA GLY A 82 -9.30 1.47 -4.46
C GLY A 82 -8.65 2.78 -4.80
N LEU A 83 -9.22 3.90 -4.27
CA LEU A 83 -8.57 5.21 -4.46
C LEU A 83 -7.80 5.50 -3.12
N LYS A 84 -6.68 6.21 -3.17
CA LYS A 84 -5.93 6.40 -1.95
C LYS A 84 -5.36 7.80 -1.77
N ALA A 85 -5.81 8.78 -2.57
CA ALA A 85 -5.34 10.18 -2.44
C ALA A 85 -6.14 10.96 -1.39
N VAL A 86 -5.52 11.19 -0.30
CA VAL A 86 -6.20 11.84 0.76
C VAL A 86 -6.85 13.17 0.44
N GLY A 87 -6.06 14.10 -0.08
CA GLY A 87 -6.61 15.42 -0.43
C GLY A 87 -7.77 15.30 -1.41
N GLU A 88 -7.59 14.45 -2.40
CA GLU A 88 -8.69 14.31 -3.35
C GLU A 88 -9.92 13.74 -2.66
N SER A 89 -9.69 12.90 -1.65
CA SER A 89 -10.82 12.30 -0.98
C SER A 89 -11.67 13.35 -0.26
N VAL A 90 -11.01 14.41 0.18
CA VAL A 90 -11.77 15.47 0.82
C VAL A 90 -12.61 16.24 -0.19
N GLN A 91 -12.09 16.26 -1.40
CA GLN A 91 -12.75 16.99 -2.47
C GLN A 91 -13.84 16.17 -3.13
N LYS A 92 -13.63 14.85 -3.21
CA LYS A 92 -14.53 13.95 -3.93
C LYS A 92 -14.88 12.78 -3.07
N PRO A 93 -15.56 13.02 -1.96
CA PRO A 93 -15.82 11.95 -1.03
C PRO A 93 -16.63 10.80 -1.57
N LEU A 94 -17.64 11.06 -2.43
CA LEU A 94 -18.46 9.97 -2.96
C LEU A 94 -17.68 8.92 -3.73
N GLU A 95 -16.74 9.39 -4.58
CA GLU A 95 -15.87 8.47 -5.38
C GLU A 95 -15.06 7.57 -4.49
N TYR A 96 -14.59 8.13 -3.36
CA TYR A 96 -13.83 7.32 -2.39
C TYR A 96 -14.72 6.26 -1.70
N TYR A 97 -15.91 6.68 -1.24
CA TYR A 97 -16.81 5.70 -0.61
C TYR A 97 -17.32 4.68 -1.58
N ASP A 98 -17.53 5.11 -2.83
CA ASP A 98 -17.99 4.11 -3.76
C ASP A 98 -16.86 3.15 -4.13
N ASN A 99 -15.69 3.67 -4.50
CA ASN A 99 -14.64 2.72 -4.83
C ASN A 99 -14.14 1.83 -3.65
N ASN A 100 -13.98 2.44 -2.48
CA ASN A 100 -13.44 1.69 -1.34
C ASN A 100 -14.47 0.86 -0.59
N VAL A 101 -15.48 1.57 -0.11
CA VAL A 101 -16.51 0.91 0.62
C VAL A 101 -17.41 0.03 -0.26
N ASN A 102 -18.11 0.63 -1.22
CA ASN A 102 -18.96 -0.23 -2.04
C ASN A 102 -18.13 -1.24 -2.83
N GLY A 103 -16.99 -0.79 -3.33
CA GLY A 103 -16.12 -1.69 -4.08
C GLY A 103 -15.70 -2.92 -3.32
N THR A 104 -15.43 -2.79 -2.02
CA THR A 104 -15.03 -3.98 -1.28
C THR A 104 -16.24 -4.90 -1.00
N LEU A 105 -17.35 -4.21 -0.76
CA LEU A 105 -18.61 -4.87 -0.46
C LEU A 105 -19.05 -5.76 -1.63
N ARG A 106 -18.94 -5.17 -2.80
CA ARG A 106 -19.33 -5.90 -4.00
C ARG A 106 -18.35 -7.07 -4.18
N LEU A 107 -17.05 -6.79 -3.96
CA LEU A 107 -16.03 -7.83 -4.04
C LEU A 107 -16.31 -8.97 -3.06
N ILE A 108 -16.63 -8.68 -1.80
CA ILE A 108 -16.84 -9.75 -0.84
C ILE A 108 -18.15 -10.43 -1.04
N SER A 109 -19.10 -9.70 -1.57
CA SER A 109 -20.39 -10.31 -1.89
C SER A 109 -20.20 -11.34 -3.02
N ALA A 110 -19.37 -11.03 -3.97
CA ALA A 110 -19.13 -11.98 -5.03
C ALA A 110 -18.34 -13.18 -4.44
N MET A 111 -17.39 -12.94 -3.55
CA MET A 111 -16.67 -14.08 -2.93
C MET A 111 -17.65 -14.98 -2.24
N ARG A 112 -18.59 -14.38 -1.55
CA ARG A 112 -19.60 -15.17 -0.88
C ARG A 112 -20.32 -16.09 -1.85
N ALA A 113 -20.71 -15.51 -2.95
CA ALA A 113 -21.43 -16.24 -3.98
C ALA A 113 -20.61 -17.36 -4.63
N ALA A 114 -19.30 -17.12 -4.81
CA ALA A 114 -18.37 -18.06 -5.43
C ALA A 114 -17.77 -19.00 -4.41
N ASN A 115 -18.20 -18.86 -3.18
CA ASN A 115 -17.63 -19.67 -2.15
C ASN A 115 -16.16 -19.46 -1.79
N VAL A 116 -15.62 -18.26 -2.05
CA VAL A 116 -14.22 -17.98 -1.67
C VAL A 116 -14.20 -17.43 -0.25
N LYS A 117 -13.30 -17.88 0.65
CA LYS A 117 -13.31 -17.39 2.04
C LYS A 117 -11.98 -16.99 2.68
N ASN A 118 -10.98 -16.66 1.84
CA ASN A 118 -9.67 -16.24 2.29
C ASN A 118 -9.47 -14.88 1.68
N PHE A 119 -9.25 -13.88 2.53
CA PHE A 119 -9.09 -12.51 2.04
C PHE A 119 -7.97 -11.78 2.74
N ILE A 120 -7.21 -10.97 2.00
CA ILE A 120 -6.13 -10.18 2.55
C ILE A 120 -6.41 -8.72 2.17
N PHE A 121 -6.74 -7.89 3.17
CA PHE A 121 -7.09 -6.50 2.88
C PHE A 121 -5.92 -5.54 3.06
N SER A 122 -5.59 -4.85 2.01
CA SER A 122 -4.52 -3.90 2.11
C SER A 122 -5.15 -2.71 2.75
N SER A 123 -4.95 -2.61 4.07
CA SER A 123 -5.53 -1.56 4.90
C SER A 123 -4.68 -0.30 5.03
N SER A 124 -4.79 0.39 6.18
CA SER A 124 -4.04 1.64 6.37
C SER A 124 -3.93 2.01 7.81
N ALA A 125 -2.79 2.57 8.20
CA ALA A 125 -2.61 2.97 9.59
C ALA A 125 -3.42 4.20 9.96
N THR A 126 -4.11 4.83 9.00
CA THR A 126 -5.00 5.99 9.32
C THR A 126 -6.11 5.58 10.27
N VAL A 127 -6.45 4.29 10.24
CA VAL A 127 -7.50 3.71 11.08
C VAL A 127 -7.27 3.92 12.56
N TYR A 128 -6.00 4.10 12.97
CA TYR A 128 -5.79 4.36 14.40
C TYR A 128 -6.25 5.74 14.78
N GLY A 129 -6.51 6.55 13.72
CA GLY A 129 -6.99 7.92 13.83
C GLY A 129 -6.01 8.76 14.65
N ASP A 130 -6.53 9.64 15.48
CA ASP A 130 -5.58 10.44 16.23
C ASP A 130 -5.23 9.90 17.59
N ASN A 131 -4.38 8.87 17.58
CA ASN A 131 -3.91 8.26 18.81
C ASN A 131 -2.60 8.96 19.20
N PRO A 132 -2.51 9.43 20.48
CA PRO A 132 -1.34 10.12 21.03
C PRO A 132 -0.32 9.12 21.57
N LYS A 133 -0.77 7.85 21.65
CA LYS A 133 0.09 6.74 22.06
C LYS A 133 0.77 6.15 20.80
N ILE A 134 2.08 6.31 20.78
CA ILE A 134 2.81 5.78 19.69
C ILE A 134 3.95 5.01 20.33
N PRO A 135 4.44 3.99 19.67
CA PRO A 135 3.97 3.53 18.36
C PRO A 135 2.61 2.88 18.45
N TYR A 136 1.92 2.74 17.31
CA TYR A 136 0.58 2.14 17.35
C TYR A 136 0.64 0.66 17.37
N VAL A 137 -0.21 0.06 18.19
CA VAL A 137 -0.19 -1.37 18.28
C VAL A 137 -1.58 -1.87 17.93
N GLU A 138 -1.65 -3.08 17.31
CA GLU A 138 -2.90 -3.72 16.87
C GLU A 138 -3.96 -3.82 17.96
N SER A 139 -3.50 -3.85 19.23
CA SER A 139 -4.33 -3.94 20.43
C SER A 139 -4.93 -2.60 20.80
N PHE A 140 -4.49 -1.48 20.14
CA PHE A 140 -5.09 -0.19 20.44
C PHE A 140 -6.42 -0.18 19.70
N PRO A 141 -7.43 0.37 20.32
CA PRO A 141 -8.65 0.43 19.55
C PRO A 141 -8.46 1.51 18.47
N THR A 142 -9.26 1.41 17.43
CA THR A 142 -9.17 2.38 16.37
C THR A 142 -9.77 3.76 16.77
N GLY A 143 -9.45 4.79 16.00
CA GLY A 143 -9.96 6.13 16.28
C GLY A 143 -10.79 6.67 15.10
N THR A 144 -11.00 7.97 15.04
CA THR A 144 -11.79 8.44 13.90
C THR A 144 -10.87 9.07 12.89
N PRO A 145 -10.70 8.40 11.73
CA PRO A 145 -9.81 8.97 10.72
C PRO A 145 -10.26 10.38 10.28
N GLN A 146 -9.34 11.23 9.81
CA GLN A 146 -9.73 12.57 9.40
C GLN A 146 -10.23 12.81 7.96
N SER A 147 -9.92 11.97 7.02
CA SER A 147 -10.44 12.25 5.69
C SER A 147 -11.36 11.14 5.31
N PRO A 148 -12.10 11.34 4.21
CA PRO A 148 -13.00 10.31 3.69
C PRO A 148 -12.16 9.09 3.32
N TYR A 149 -10.95 9.32 2.84
CA TYR A 149 -10.09 8.22 2.53
C TYR A 149 -9.95 7.37 3.80
N GLY A 150 -9.43 7.97 4.89
CA GLY A 150 -9.18 7.20 6.10
C GLY A 150 -10.43 6.55 6.59
N LYS A 151 -11.53 7.32 6.54
CA LYS A 151 -12.80 6.78 7.01
C LYS A 151 -13.22 5.55 6.25
N SER A 152 -13.03 5.64 4.94
CA SER A 152 -13.42 4.52 4.08
C SER A 152 -12.69 3.25 4.46
N LYS A 153 -11.38 3.39 4.79
CA LYS A 153 -10.56 2.22 5.15
C LYS A 153 -11.08 1.53 6.40
N LEU A 154 -11.43 2.34 7.43
CA LEU A 154 -11.95 1.82 8.66
C LEU A 154 -13.30 1.18 8.45
N MET A 155 -14.15 1.85 7.65
CA MET A 155 -15.46 1.26 7.40
C MET A 155 -15.30 -0.13 6.79
N VAL A 156 -14.38 -0.25 5.85
CA VAL A 156 -14.23 -1.57 5.22
C VAL A 156 -13.72 -2.56 6.29
N GLU A 157 -12.83 -2.07 7.20
CA GLU A 157 -12.30 -2.93 8.27
C GLU A 157 -13.46 -3.43 9.10
N GLN A 158 -14.37 -2.52 9.47
CA GLN A 158 -15.53 -2.92 10.24
C GLN A 158 -16.46 -3.91 9.52
N ILE A 159 -16.74 -3.66 8.23
CA ILE A 159 -17.64 -4.55 7.47
C ILE A 159 -17.05 -5.97 7.37
N LEU A 160 -15.76 -6.01 7.03
CA LEU A 160 -15.07 -7.29 6.95
C LEU A 160 -15.17 -8.01 8.30
N THR A 161 -15.03 -7.21 9.36
CA THR A 161 -15.06 -7.81 10.68
C THR A 161 -16.43 -8.43 10.97
N ASP A 162 -17.45 -7.69 10.68
CA ASP A 162 -18.78 -8.20 10.93
C ASP A 162 -19.06 -9.45 10.04
N LEU A 163 -18.53 -9.40 8.84
CA LEU A 163 -18.81 -10.50 7.98
C LEU A 163 -18.21 -11.76 8.50
N GLN A 164 -16.98 -11.64 8.95
CA GLN A 164 -16.28 -12.82 9.42
C GLN A 164 -17.01 -13.39 10.61
N LYS A 165 -17.52 -12.45 11.36
CA LYS A 165 -18.23 -12.89 12.49
C LYS A 165 -19.51 -13.67 12.12
N ALA A 166 -20.15 -13.24 11.05
CA ALA A 166 -21.34 -13.93 10.64
C ALA A 166 -21.02 -15.19 9.86
N GLN A 167 -19.81 -15.23 9.30
CA GLN A 167 -19.39 -16.32 8.47
C GLN A 167 -18.02 -16.71 8.96
N PRO A 168 -18.05 -17.30 10.12
CA PRO A 168 -16.89 -17.67 10.87
C PRO A 168 -15.86 -18.57 10.24
N ASP A 169 -16.11 -19.08 9.03
CA ASP A 169 -15.15 -19.93 8.37
C ASP A 169 -14.17 -19.09 7.57
N TRP A 170 -14.47 -17.81 7.46
CA TRP A 170 -13.59 -16.93 6.71
C TRP A 170 -12.28 -16.62 7.41
N SER A 171 -11.22 -16.43 6.62
CA SER A 171 -9.95 -15.98 7.15
C SER A 171 -9.75 -14.60 6.51
N ILE A 172 -9.63 -13.53 7.34
CA ILE A 172 -9.41 -12.18 6.82
C ILE A 172 -8.25 -11.46 7.53
N ALA A 173 -7.30 -11.00 6.74
CA ALA A 173 -6.19 -10.24 7.32
C ALA A 173 -6.43 -8.77 7.02
N LEU A 174 -6.15 -7.94 8.01
CA LEU A 174 -6.26 -6.51 7.82
C LEU A 174 -4.84 -6.04 8.01
N LEU A 175 -4.17 -5.75 6.88
CA LEU A 175 -2.78 -5.29 6.87
C LEU A 175 -2.66 -3.78 6.87
N ARG A 176 -2.18 -3.23 8.01
CA ARG A 176 -2.07 -1.78 8.22
C ARG A 176 -0.70 -1.24 8.06
N TYR A 177 -0.56 -0.19 7.31
CA TYR A 177 0.76 0.36 7.18
C TYR A 177 0.68 1.80 6.82
N PHE A 178 1.86 2.39 6.73
CA PHE A 178 1.85 3.76 6.38
C PHE A 178 2.35 4.06 5.02
N ASN A 179 3.64 4.45 4.94
CA ASN A 179 4.28 4.91 3.70
C ASN A 179 5.17 3.97 2.91
N PRO A 180 4.59 3.34 1.86
CA PRO A 180 5.34 2.46 1.00
C PRO A 180 6.21 3.33 0.09
N VAL A 181 7.45 2.93 0.02
CA VAL A 181 8.45 3.60 -0.75
C VAL A 181 9.41 2.61 -1.36
N GLY A 182 10.09 3.12 -2.39
CA GLY A 182 11.07 2.34 -3.10
C GLY A 182 10.53 1.74 -4.37
N ALA A 183 11.33 0.80 -4.87
CA ALA A 183 11.00 0.16 -6.13
C ALA A 183 11.72 -1.17 -6.24
N HIS A 184 11.28 -2.03 -7.15
CA HIS A 184 11.97 -3.27 -7.35
C HIS A 184 13.48 -3.00 -7.58
N PRO A 185 14.33 -3.91 -7.10
CA PRO A 185 15.79 -3.75 -7.21
C PRO A 185 16.25 -3.62 -8.67
N SER A 186 15.46 -4.12 -9.57
CA SER A 186 15.78 -4.01 -10.95
C SER A 186 15.69 -2.58 -11.48
N GLY A 187 14.90 -1.71 -10.85
CA GLY A 187 14.79 -0.33 -11.36
C GLY A 187 13.84 -0.31 -12.55
N ASP A 188 13.21 -1.45 -12.78
CA ASP A 188 12.26 -1.61 -13.90
C ASP A 188 10.76 -1.48 -13.56
N MET A 189 10.49 -1.37 -12.26
CA MET A 189 9.15 -1.11 -11.67
C MET A 189 9.32 -0.14 -10.50
N GLY A 190 8.30 0.64 -10.26
CA GLY A 190 8.37 1.58 -9.18
C GLY A 190 7.12 2.40 -9.17
N GLU A 191 6.99 3.39 -8.27
CA GLU A 191 5.81 4.26 -8.28
C GLU A 191 5.82 5.25 -9.48
N ASP A 192 4.71 5.30 -10.18
CA ASP A 192 4.56 6.14 -11.35
C ASP A 192 3.36 7.05 -11.20
N PRO A 193 3.52 8.00 -10.36
CA PRO A 193 2.45 8.89 -10.08
C PRO A 193 2.20 9.88 -11.19
N GLN A 194 0.92 10.09 -11.41
CA GLN A 194 0.50 11.06 -12.41
C GLN A 194 0.10 12.32 -11.65
N GLY A 195 0.61 13.43 -12.10
CA GLY A 195 0.31 14.68 -11.41
C GLY A 195 1.23 14.90 -10.22
N ILE A 196 0.87 15.83 -9.35
CA ILE A 196 1.67 16.15 -8.17
C ILE A 196 1.59 15.02 -7.18
N PRO A 197 2.76 14.48 -6.81
CA PRO A 197 2.86 13.38 -5.87
C PRO A 197 2.47 13.85 -4.50
N ASN A 198 1.60 13.06 -3.82
CA ASN A 198 1.15 13.47 -2.48
C ASN A 198 2.08 13.07 -1.35
N ASN A 199 2.76 11.96 -1.60
CA ASN A 199 3.75 11.37 -0.71
C ASN A 199 5.14 12.05 -0.83
N LEU A 200 5.78 12.11 0.30
CA LEU A 200 7.07 12.71 0.42
C LEU A 200 8.09 12.13 -0.54
N MET A 201 8.38 10.88 -0.35
CA MET A 201 9.40 10.30 -1.20
C MET A 201 9.36 10.68 -2.72
N PRO A 202 8.24 10.36 -3.41
CA PRO A 202 8.08 10.67 -4.82
C PRO A 202 8.17 12.16 -5.11
N TYR A 203 7.69 12.96 -4.16
CA TYR A 203 7.79 14.39 -4.35
C TYR A 203 9.29 14.66 -4.43
N ILE A 204 10.05 14.15 -3.44
CA ILE A 204 11.49 14.34 -3.39
C ILE A 204 12.17 13.92 -4.66
N ALA A 205 11.80 12.76 -5.09
CA ALA A 205 12.38 12.27 -6.26
C ALA A 205 12.11 13.23 -7.42
N GLN A 206 10.90 13.67 -7.54
CA GLN A 206 10.68 14.52 -8.66
C GLN A 206 11.50 15.80 -8.60
N VAL A 207 11.62 16.36 -7.41
CA VAL A 207 12.39 17.58 -7.25
C VAL A 207 13.79 17.28 -7.71
N ALA A 208 14.26 16.16 -7.26
CA ALA A 208 15.62 15.80 -7.54
C ALA A 208 15.89 15.62 -9.01
N VAL A 209 14.94 15.04 -9.64
CA VAL A 209 15.03 14.75 -11.03
C VAL A 209 14.96 16.04 -11.86
N GLY A 210 14.59 17.16 -11.23
CA GLY A 210 14.50 18.43 -11.94
C GLY A 210 13.10 18.84 -12.39
N ARG A 211 12.08 18.04 -12.03
CA ARG A 211 10.69 18.30 -12.39
C ARG A 211 10.01 19.29 -11.44
N ARG A 212 10.62 19.36 -10.26
CA ARG A 212 10.15 20.19 -9.18
C ARG A 212 11.29 21.06 -8.73
N ASP A 213 10.92 22.26 -8.35
CA ASP A 213 11.95 23.15 -7.94
C ASP A 213 12.45 22.85 -6.52
N SER A 214 11.54 22.83 -5.54
CA SER A 214 11.95 22.68 -4.15
C SER A 214 10.92 22.02 -3.27
N LEU A 215 11.40 21.33 -2.28
CA LEU A 215 10.48 20.73 -1.35
C LEU A 215 10.16 21.67 -0.20
N ALA A 216 8.85 21.82 0.01
CA ALA A 216 8.34 22.58 1.12
C ALA A 216 8.19 21.56 2.24
N ILE A 217 8.80 21.86 3.35
CA ILE A 217 8.72 21.02 4.51
C ILE A 217 7.72 21.63 5.51
N PHE A 218 6.61 20.95 5.77
CA PHE A 218 5.65 21.54 6.71
C PHE A 218 5.99 21.54 8.19
N GLY A 219 6.59 22.62 8.65
CA GLY A 219 6.95 22.74 10.07
C GLY A 219 8.37 22.31 10.34
N ASN A 220 9.01 23.03 11.23
CA ASN A 220 10.38 22.78 11.61
C ASN A 220 10.46 22.97 13.09
N ASP A 221 9.27 23.03 13.71
CA ASP A 221 9.15 23.24 15.15
C ASP A 221 8.45 22.13 15.90
N TYR A 222 8.56 20.90 15.44
CA TYR A 222 7.92 19.91 16.21
C TYR A 222 8.85 19.47 17.27
N PRO A 223 8.21 18.86 18.21
CA PRO A 223 8.84 18.29 19.36
C PRO A 223 9.60 17.05 18.95
N THR A 224 10.36 17.17 17.86
CA THR A 224 11.15 16.08 17.32
C THR A 224 12.61 16.45 17.34
N GLU A 225 13.46 15.43 17.31
CA GLU A 225 14.89 15.61 17.34
C GLU A 225 15.42 16.69 16.38
N ASP A 226 14.86 16.77 15.19
CA ASP A 226 15.33 17.78 14.25
C ASP A 226 14.25 18.79 13.95
N GLY A 227 13.08 18.60 14.56
CA GLY A 227 12.00 19.55 14.37
C GLY A 227 11.02 19.25 13.27
N THR A 228 11.38 18.36 12.35
CA THR A 228 10.47 18.01 11.26
C THR A 228 9.65 16.81 11.67
N GLY A 229 8.58 16.56 10.96
CA GLY A 229 7.70 15.44 11.23
C GLY A 229 8.34 14.06 11.08
N VAL A 230 7.95 13.17 11.99
CA VAL A 230 8.47 11.83 11.97
C VAL A 230 7.43 10.86 11.48
N ARG A 231 7.81 10.15 10.42
CA ARG A 231 6.91 9.21 9.84
C ARG A 231 7.50 7.85 9.70
N ASP A 232 6.63 6.99 9.24
CA ASP A 232 6.91 5.59 9.04
C ASP A 232 6.97 5.26 7.55
N TYR A 233 8.14 4.77 7.11
CA TYR A 233 8.35 4.48 5.70
C TYR A 233 8.73 3.04 5.56
N ILE A 234 8.06 2.35 4.66
CA ILE A 234 8.32 0.93 4.46
C ILE A 234 8.68 0.65 3.00
N HIS A 235 9.78 -0.07 2.78
CA HIS A 235 10.12 -0.35 1.39
C HIS A 235 9.02 -1.19 0.71
N VAL A 236 8.58 -0.79 -0.47
CA VAL A 236 7.59 -1.56 -1.18
C VAL A 236 7.89 -3.08 -1.32
N MET A 237 9.17 -3.51 -1.37
CA MET A 237 9.44 -4.93 -1.49
C MET A 237 9.14 -5.68 -0.23
N ASP A 238 9.45 -5.02 0.89
CA ASP A 238 9.16 -5.66 2.20
C ASP A 238 7.66 -5.79 2.46
N LEU A 239 6.96 -4.73 2.11
CA LEU A 239 5.52 -4.70 2.24
C LEU A 239 4.89 -5.81 1.34
N ALA A 240 5.36 -5.91 0.09
CA ALA A 240 4.87 -6.93 -0.81
C ALA A 240 5.13 -8.26 -0.13
N ASP A 241 6.35 -8.38 0.38
CA ASP A 241 6.69 -9.61 1.03
C ASP A 241 5.72 -9.90 2.19
N GLY A 242 5.40 -8.87 2.97
CA GLY A 242 4.49 -9.07 4.09
C GLY A 242 3.11 -9.59 3.63
N HIS A 243 2.68 -9.10 2.47
CA HIS A 243 1.40 -9.43 1.85
C HIS A 243 1.33 -10.91 1.49
N VAL A 244 2.44 -11.44 0.90
CA VAL A 244 2.60 -12.87 0.49
C VAL A 244 2.60 -13.86 1.69
N VAL A 245 3.42 -13.57 2.74
CA VAL A 245 3.52 -14.42 3.93
C VAL A 245 2.15 -14.49 4.61
N ALA A 246 1.57 -13.30 4.74
CA ALA A 246 0.22 -13.17 5.32
C ALA A 246 -0.79 -14.11 4.59
N MET A 247 -0.73 -14.05 3.25
CA MET A 247 -1.59 -14.82 2.38
C MET A 247 -1.36 -16.30 2.55
N GLU A 248 -0.08 -16.61 2.47
CA GLU A 248 0.36 -17.98 2.61
C GLU A 248 0.11 -18.52 3.97
N LYS A 249 0.40 -17.76 5.04
CA LYS A 249 0.20 -18.39 6.35
C LYS A 249 -1.15 -18.35 6.93
N LEU A 250 -1.96 -17.40 6.49
CA LEU A 250 -3.27 -17.21 7.04
C LEU A 250 -4.37 -17.97 6.33
N ALA A 251 -4.09 -18.35 5.09
CA ALA A 251 -5.09 -19.07 4.31
C ALA A 251 -5.72 -20.18 5.17
N ASN A 252 -7.05 -20.18 5.26
CA ASN A 252 -7.75 -21.22 5.96
C ASN A 252 -7.60 -21.21 7.42
N LYS A 253 -7.11 -20.11 7.94
CA LYS A 253 -7.03 -20.04 9.38
C LYS A 253 -8.10 -19.07 9.75
N PRO A 254 -9.25 -19.57 10.18
CA PRO A 254 -10.36 -18.68 10.48
C PRO A 254 -10.03 -17.58 11.47
N GLY A 255 -10.57 -16.40 11.17
CA GLY A 255 -10.39 -15.20 11.97
C GLY A 255 -10.11 -13.94 11.14
N VAL A 256 -9.96 -12.83 11.91
CA VAL A 256 -9.65 -11.47 11.47
C VAL A 256 -8.28 -11.25 12.07
N HIS A 257 -7.29 -11.36 11.21
CA HIS A 257 -5.91 -11.28 11.60
C HIS A 257 -5.41 -9.89 11.29
N ILE A 258 -5.14 -9.15 12.36
CA ILE A 258 -4.70 -7.78 12.18
C ILE A 258 -3.21 -7.63 12.40
N TYR A 259 -2.54 -7.00 11.45
CA TYR A 259 -1.14 -6.83 11.57
C TYR A 259 -0.73 -5.49 11.04
N ASN A 260 0.15 -4.82 11.76
CA ASN A 260 0.78 -3.63 11.28
C ASN A 260 2.02 -4.09 10.51
N LEU A 261 2.27 -3.51 9.34
CA LEU A 261 3.48 -3.82 8.58
C LEU A 261 4.30 -2.54 8.53
N GLY A 262 5.53 -2.62 9.02
CA GLY A 262 6.44 -1.49 9.05
C GLY A 262 7.81 -1.88 9.64
N ALA A 263 8.75 -0.94 9.57
CA ALA A 263 10.11 -1.12 10.07
C ALA A 263 10.15 -1.05 11.59
N GLY A 264 9.13 -0.39 12.13
CA GLY A 264 9.04 -0.29 13.57
C GLY A 264 9.67 0.96 14.12
N VAL A 265 10.14 1.83 13.24
CA VAL A 265 10.74 3.07 13.65
C VAL A 265 10.27 4.16 12.72
N GLY A 266 10.48 5.39 13.14
CA GLY A 266 10.10 6.55 12.40
C GLY A 266 11.36 7.20 11.87
N ASN A 267 11.24 8.04 10.84
CA ASN A 267 12.31 8.81 10.20
C ASN A 267 11.73 10.17 9.91
N SER A 268 12.50 11.26 10.18
CA SER A 268 12.05 12.64 10.00
C SER A 268 12.10 13.05 8.54
N VAL A 269 11.49 14.22 8.27
CA VAL A 269 11.51 14.71 6.89
C VAL A 269 12.96 14.89 6.40
N LEU A 270 13.79 15.48 7.26
CA LEU A 270 15.19 15.71 6.88
C LEU A 270 15.90 14.43 6.70
N ASP A 271 15.61 13.47 7.54
CA ASP A 271 16.32 12.22 7.34
C ASP A 271 16.05 11.68 5.97
N VAL A 272 14.77 11.80 5.56
CA VAL A 272 14.37 11.29 4.26
C VAL A 272 15.03 12.08 3.11
N VAL A 273 15.14 13.37 3.33
CA VAL A 273 15.77 14.14 2.27
C VAL A 273 17.23 13.82 2.17
N ASN A 274 17.90 13.78 3.33
CA ASN A 274 19.33 13.50 3.28
C ASN A 274 19.66 12.15 2.64
N ALA A 275 18.81 11.14 2.91
CA ALA A 275 19.03 9.81 2.37
C ALA A 275 18.88 9.89 0.86
N PHE A 276 17.98 10.77 0.45
CA PHE A 276 17.72 10.96 -0.97
C PHE A 276 18.86 11.69 -1.68
N SER A 277 19.33 12.79 -1.08
CA SER A 277 20.45 13.54 -1.65
C SER A 277 21.59 12.57 -1.82
N LYS A 278 21.71 11.73 -0.80
CA LYS A 278 22.72 10.70 -0.83
C LYS A 278 22.52 9.77 -2.03
N ALA A 279 21.30 9.30 -2.27
CA ALA A 279 21.07 8.39 -3.40
C ALA A 279 21.27 9.01 -4.79
N CYS A 280 20.79 10.23 -4.99
CA CYS A 280 20.86 10.85 -6.27
C CYS A 280 22.15 11.60 -6.53
N GLY A 281 23.07 11.61 -5.60
CA GLY A 281 24.34 12.31 -5.87
C GLY A 281 24.29 13.83 -5.86
N LYS A 282 23.25 14.37 -5.29
CA LYS A 282 23.24 15.79 -5.23
C LYS A 282 22.22 16.23 -4.20
N PRO A 283 22.51 17.35 -3.59
CA PRO A 283 21.68 17.96 -2.55
C PRO A 283 20.28 18.25 -3.06
N VAL A 284 19.26 17.58 -2.51
CA VAL A 284 17.84 17.84 -2.84
C VAL A 284 17.43 19.25 -2.39
N ASN A 285 16.76 20.01 -3.24
CA ASN A 285 16.36 21.35 -2.81
C ASN A 285 15.09 21.38 -1.96
N TYR A 286 15.12 22.15 -0.87
CA TYR A 286 13.94 22.23 -0.01
C TYR A 286 13.89 23.56 0.72
N HIS A 287 12.74 23.82 1.30
CA HIS A 287 12.53 25.03 2.09
C HIS A 287 11.48 24.68 3.07
N PHE A 288 11.38 25.51 4.10
CA PHE A 288 10.39 25.26 5.15
C PHE A 288 9.10 25.99 4.93
N ALA A 289 8.05 25.33 5.38
CA ALA A 289 6.72 25.88 5.32
C ALA A 289 6.08 25.72 6.72
N PRO A 290 4.83 26.17 6.94
CA PRO A 290 4.30 26.01 8.28
C PRO A 290 3.59 24.65 8.37
N ARG A 291 3.40 24.27 9.62
CA ARG A 291 2.78 23.02 9.94
C ARG A 291 1.60 22.83 9.07
N ARG A 292 1.51 21.68 8.46
CA ARG A 292 0.33 21.41 7.66
C ARG A 292 -0.72 21.01 8.68
N GLU A 293 -1.92 21.53 8.51
CA GLU A 293 -2.96 21.25 9.47
C GLU A 293 -3.47 19.80 9.54
N GLY A 294 -3.45 19.24 10.78
CA GLY A 294 -3.88 17.88 11.15
C GLY A 294 -2.72 16.87 11.30
N ASP A 295 -1.51 17.42 11.37
CA ASP A 295 -0.32 16.66 11.48
C ASP A 295 0.14 16.45 12.90
N LEU A 296 0.58 15.24 13.21
CA LEU A 296 1.15 15.01 14.52
C LEU A 296 2.65 15.18 14.31
N PRO A 297 3.37 15.41 15.36
CA PRO A 297 4.80 15.55 15.18
C PRO A 297 5.45 14.23 14.77
N ALA A 298 4.95 13.13 15.33
CA ALA A 298 5.56 11.87 15.05
C ALA A 298 4.64 10.72 15.10
N CYS A 299 4.84 9.81 14.19
CA CYS A 299 3.96 8.73 14.26
C CYS A 299 4.55 7.53 13.59
N TRP A 300 4.40 6.34 14.19
CA TRP A 300 4.90 5.11 13.61
C TRP A 300 4.27 3.87 14.21
N ALA A 301 4.40 2.78 13.47
CA ALA A 301 3.78 1.58 13.90
C ALA A 301 4.71 0.55 14.53
N ASP A 302 4.20 -0.15 15.53
CA ASP A 302 4.97 -1.19 16.19
C ASP A 302 4.73 -2.44 15.39
N ALA A 303 5.78 -3.06 14.82
CA ALA A 303 5.51 -4.27 14.03
C ALA A 303 5.92 -5.62 14.72
N SER A 304 5.85 -5.69 16.07
CA SER A 304 6.23 -6.87 16.82
C SER A 304 5.38 -8.09 16.54
N LYS A 305 4.11 -7.81 16.36
CA LYS A 305 3.17 -8.92 16.15
C LYS A 305 3.44 -9.74 14.89
N ALA A 306 3.63 -9.02 13.79
CA ALA A 306 3.95 -9.66 12.49
C ALA A 306 5.26 -10.47 12.63
N ASP A 307 6.25 -9.94 13.35
CA ASP A 307 7.53 -10.61 13.59
C ASP A 307 7.29 -11.97 14.28
N ARG A 308 6.63 -11.82 15.38
CA ARG A 308 6.27 -12.93 16.20
C ARG A 308 5.35 -13.96 15.52
N GLU A 309 4.22 -13.50 15.01
CA GLU A 309 3.24 -14.38 14.42
C GLU A 309 3.47 -14.84 13.03
N LEU A 310 4.08 -14.01 12.22
CA LEU A 310 4.33 -14.41 10.84
C LEU A 310 5.83 -14.52 10.63
N ASN A 311 6.62 -14.21 11.69
CA ASN A 311 8.05 -14.30 11.46
C ASN A 311 8.43 -13.38 10.28
N TRP A 312 7.82 -12.23 10.25
CA TRP A 312 8.11 -11.29 9.20
C TRP A 312 8.63 -10.02 9.79
N ARG A 313 9.61 -9.44 9.12
CA ARG A 313 10.19 -8.16 9.51
C ARG A 313 10.79 -7.53 8.28
N VAL A 314 11.08 -6.26 8.32
CA VAL A 314 11.65 -5.70 7.10
C VAL A 314 13.09 -6.04 6.98
N THR A 315 13.59 -5.91 5.79
CA THR A 315 14.98 -6.18 5.55
C THR A 315 15.58 -5.07 4.70
N ARG A 316 14.78 -4.13 4.20
CA ARG A 316 15.41 -3.10 3.38
C ARG A 316 15.60 -1.89 4.23
N THR A 317 16.57 -1.02 3.90
CA THR A 317 16.85 0.18 4.67
C THR A 317 16.33 1.43 4.02
N LEU A 318 16.32 2.48 4.80
CA LEU A 318 15.90 3.76 4.28
C LEU A 318 16.77 4.10 3.09
N ASP A 319 18.09 3.85 3.22
CA ASP A 319 18.97 4.17 2.10
C ASP A 319 18.56 3.41 0.84
N GLU A 320 18.26 2.14 1.04
CA GLU A 320 17.82 1.37 -0.07
C GLU A 320 16.51 1.94 -0.65
N MET A 321 15.60 2.39 0.21
CA MET A 321 14.35 2.91 -0.34
C MET A 321 14.66 3.98 -1.34
N ALA A 322 15.60 4.80 -0.96
CA ALA A 322 16.05 5.92 -1.78
C ALA A 322 16.73 5.48 -3.07
N GLN A 323 17.76 4.65 -2.91
CA GLN A 323 18.50 4.21 -4.07
C GLN A 323 17.63 3.59 -5.13
N ASP A 324 16.79 2.70 -4.64
CA ASP A 324 15.95 2.01 -5.54
C ASP A 324 15.01 2.93 -6.23
N THR A 325 14.55 3.90 -5.49
CA THR A 325 13.66 4.85 -6.11
C THR A 325 14.49 5.59 -7.18
N TRP A 326 15.60 6.17 -6.80
CA TRP A 326 16.37 6.90 -7.79
C TRP A 326 16.75 6.00 -8.97
N HIS A 327 16.95 4.74 -8.69
CA HIS A 327 17.32 3.81 -9.72
C HIS A 327 16.24 3.65 -10.80
N TRP A 328 15.01 3.53 -10.35
CA TRP A 328 13.86 3.41 -11.26
C TRP A 328 13.61 4.71 -12.02
N GLN A 329 13.79 5.82 -11.33
CA GLN A 329 13.59 7.09 -11.99
C GLN A 329 14.56 7.23 -13.13
N SER A 330 15.79 6.90 -12.79
CA SER A 330 16.91 6.91 -13.70
C SER A 330 16.76 5.99 -14.90
N ARG A 331 16.28 4.74 -14.71
CA ARG A 331 16.07 3.83 -15.86
C ARG A 331 14.80 4.10 -16.67
N HIS A 332 13.75 4.65 -16.03
CA HIS A 332 12.45 4.94 -16.68
C HIS A 332 11.86 6.27 -16.31
N PRO A 333 12.63 7.30 -16.68
CA PRO A 333 12.37 8.71 -16.46
C PRO A 333 10.99 9.09 -16.89
N GLN A 334 10.41 8.27 -17.79
CA GLN A 334 9.09 8.59 -18.24
C GLN A 334 8.08 7.62 -17.71
N GLY A 335 8.55 6.79 -16.78
CA GLY A 335 7.65 5.84 -16.20
C GLY A 335 7.26 4.80 -17.19
N TYR A 336 6.06 4.30 -17.00
CA TYR A 336 5.56 3.26 -17.85
C TYR A 336 5.06 3.89 -19.11
N PRO A 337 5.36 3.19 -20.19
CA PRO A 337 4.95 3.68 -21.49
C PRO A 337 3.46 3.53 -21.69
N ASP A 338 2.97 4.42 -22.53
CA ASP A 338 1.57 4.46 -22.91
C ASP A 338 1.20 3.47 -24.05
NA NA B . -14.13 21.16 -1.74
NA NA C . 4.76 8.52 -18.01
PA NAD D . -2.25 2.33 -6.83
O1A NAD D . -3.27 3.28 -7.32
O2A NAD D . -0.97 2.31 -7.62
O5B NAD D . -2.87 0.87 -6.99
C5B NAD D . -4.32 0.74 -6.99
C4B NAD D . -4.76 0.07 -8.29
O4B NAD D . -6.18 -0.22 -8.27
C3B NAD D . -4.54 0.91 -9.56
O3B NAD D . -3.74 0.13 -10.47
C2B NAD D . -5.96 1.30 -10.04
O2B NAD D . -6.03 1.23 -11.48
C1B NAD D . -6.79 0.16 -9.44
N9A NAD D . -8.14 0.52 -9.06
C8A NAD D . -8.61 1.64 -8.41
N7A NAD D . -9.95 1.63 -8.25
C5A NAD D . -10.35 0.39 -8.77
C6A NAD D . -11.60 -0.23 -8.88
N6A NAD D . -12.78 0.24 -8.50
N1A NAD D . -11.63 -1.41 -9.54
C2A NAD D . -10.47 -1.94 -10.04
N3A NAD D . -9.28 -1.44 -10.00
C4A NAD D . -9.27 -0.27 -9.32
O3 NAD D . -2.00 2.57 -5.30
PN NAD D . -1.30 1.53 -4.21
O1N NAD D . -0.35 2.38 -3.52
O2N NAD D . -0.66 0.40 -4.91
O5D NAD D . -2.54 1.19 -3.32
C5D NAD D . -2.91 -0.12 -3.21
C4D NAD D . -3.77 -0.17 -1.99
O4D NAD D . -2.97 0.06 -0.83
C3D NAD D . -5.01 0.72 -1.90
O3D NAD D . -5.91 -0.07 -1.15
C2D NAD D . -4.50 1.80 -0.96
O2D NAD D . -5.61 2.38 -0.21
C1D NAD D . -3.61 0.99 -0.02
N1N NAD D . -2.64 1.88 0.63
C2N NAD D . -1.66 2.56 -0.05
C3N NAD D . -0.95 3.74 0.60
C7N NAD D . 0.04 4.50 -0.22
O7N NAD D . 0.65 5.49 0.29
N7N NAD D . 0.30 4.14 -1.49
C4N NAD D . -0.93 3.78 2.11
C5N NAD D . -2.04 3.00 2.71
C6N NAD D . -2.71 2.09 2.03
N1 UPG E . 5.84 16.28 3.90
C2 UPG E . 6.44 17.53 3.70
N3 UPG E . 6.29 18.01 2.41
C4 UPG E . 5.64 17.37 1.33
C5 UPG E . 5.11 16.08 1.62
C6 UPG E . 5.19 15.61 2.85
O2 UPG E . 7.03 18.17 4.56
O4 UPG E . 5.61 17.95 0.25
C1C UPG E . 5.97 15.65 5.21
C2C UPG E . 4.69 15.53 6.01
O2C UPG E . 4.43 16.76 6.73
C3C UPG E . 5.04 14.36 6.99
C4C UPG E . 5.99 13.51 6.15
O4C UPG E . 6.43 14.35 5.03
O3C UPG E . 5.57 14.80 8.24
C5C UPG E . 5.36 12.32 5.51
O5C UPG E . 4.30 12.94 4.78
PA UPG E . 3.20 12.10 4.01
O1A UPG E . 1.98 12.92 3.83
O2A UPG E . 3.69 11.47 2.75
O3A UPG E . 3.06 10.97 5.20
PB UPG E . 1.88 10.65 6.15
O1B UPG E . 2.63 9.67 7.05
O2B UPG E . 1.41 11.83 6.93
O3B UPG E . 0.57 10.00 5.35
C1' UPG E . 0.46 8.59 4.94
C2' UPG E . -0.44 8.38 3.66
C3' UPG E . -1.97 8.56 3.86
C4' UPG E . -2.56 8.11 5.26
C5' UPG E . -1.48 8.10 6.43
C6' UPG E . -1.83 7.40 7.78
O2' UPG E . 0.06 9.03 2.44
O3' UPG E . -2.69 7.97 2.74
O4' UPG E . -3.68 8.96 5.62
O5' UPG E . -0.11 7.72 5.98
O6' UPG E . -1.88 8.31 9.00
C1 PGE F . -2.30 -16.87 14.16
O1 PGE F . -3.59 -17.49 14.05
C2 PGE F . -1.81 -16.55 12.76
O2 PGE F . -0.52 -17.09 12.46
C3 PGE F . -0.20 -17.88 11.31
C4 PGE F . 0.93 -18.81 11.68
O4 PGE F . -0.97 -23.05 12.62
C6 PGE F . 0.14 -22.30 12.13
C5 PGE F . -0.40 -20.96 11.71
O3 PGE F . 0.64 -20.13 11.25
#